data_5L81
#
_entry.id   5L81
#
_cell.length_a   132.040
_cell.length_b   36.190
_cell.length_c   52.690
_cell.angle_alpha   90.00
_cell.angle_beta   90.00
_cell.angle_gamma   90.00
#
_symmetry.space_group_name_H-M   'P 21 21 2'
#
loop_
_entity.id
_entity.type
_entity.pdbx_description
1 polymer 'Fermitin family homolog 3'
2 non-polymer 'SODIUM ION'
3 water water
#
_entity_poly.entity_id   1
_entity_poly.type   'polypeptide(L)'
_entity_poly.pdbx_seq_one_letter_code
;SDLSSGLEVLFQGTDSLTTIPELKDHLRIFRPRKLTLKGYRQYWVVFKDTTLSYYKSQDEAPGDPTQQLNLKGCEVVPDV
NVSGQKFCIKLLVPSPEGMSEIYLRCQDEQQYAQWMAACRLASKGRTMADSSYASEVQAILAFLSLQRAG
;
_entity_poly.pdbx_strand_id   A,B
#
loop_
_chem_comp.id
_chem_comp.type
_chem_comp.name
_chem_comp.formula
NA non-polymer 'SODIUM ION' 'Na 1'
#
# COMPACT_ATOMS: atom_id res chain seq x y z
N SER A 16 31.20 7.20 -18.84
CA SER A 16 31.03 7.32 -20.29
C SER A 16 29.57 7.18 -20.66
N LEU A 17 29.26 6.12 -21.38
CA LEU A 17 27.88 5.80 -21.72
C LEU A 17 27.22 5.05 -20.58
N THR A 18 26.00 5.44 -20.25
CA THR A 18 25.23 4.77 -19.23
C THR A 18 23.84 4.46 -19.78
N THR A 19 23.16 3.55 -19.11
CA THR A 19 21.81 3.15 -19.51
C THR A 19 20.91 3.12 -18.29
N ILE A 20 19.79 3.82 -18.39
CA ILE A 20 18.83 3.96 -17.29
C ILE A 20 17.59 3.13 -17.60
N PRO A 21 16.98 2.48 -16.62
CA PRO A 21 15.77 1.70 -16.88
C PRO A 21 14.51 2.54 -16.88
N GLU A 22 13.63 2.27 -17.84
CA GLU A 22 12.32 2.88 -17.91
C GLU A 22 11.25 1.82 -18.03
N LEU A 23 10.01 2.20 -17.73
CA LEU A 23 8.85 1.37 -18.02
C LEU A 23 8.01 2.10 -19.04
N LYS A 24 7.55 1.40 -20.07
CA LYS A 24 6.68 2.02 -21.08
C LYS A 24 5.60 1.01 -21.45
N ASP A 25 4.34 1.41 -21.34
CA ASP A 25 3.29 0.46 -21.68
C ASP A 25 1.97 1.23 -21.70
N HIS A 26 0.91 0.58 -22.16
CA HIS A 26 -0.42 1.17 -22.09
C HIS A 26 -1.09 0.76 -20.79
N LEU A 27 -1.56 1.75 -20.04
CA LEU A 27 -2.26 1.47 -18.80
C LEU A 27 -3.61 2.16 -18.84
N ARG A 28 -4.51 1.70 -18.00
CA ARG A 28 -5.81 2.35 -17.88
C ARG A 28 -5.78 3.25 -16.67
N ILE A 29 -6.16 4.51 -16.84
CA ILE A 29 -5.96 5.52 -15.82
C ILE A 29 -7.27 6.24 -15.55
N PHE A 30 -7.49 6.54 -14.28
CA PHE A 30 -8.66 7.29 -13.83
C PHE A 30 -8.20 8.40 -12.89
N ARG A 31 -8.80 9.57 -13.07
CA ARG A 31 -8.50 10.74 -12.27
C ARG A 31 -9.77 11.17 -11.56
N PRO A 32 -9.88 10.93 -10.25
CA PRO A 32 -11.16 11.21 -9.56
C PRO A 32 -11.58 12.67 -9.60
N ARG A 33 -10.71 13.58 -9.21
CA ARG A 33 -11.09 14.95 -8.94
C ARG A 33 -11.02 15.84 -10.18
N LYS A 34 -10.87 15.27 -11.36
CA LYS A 34 -10.99 16.05 -12.60
C LYS A 34 -12.48 16.25 -12.84
N LEU A 35 -12.96 17.46 -12.58
CA LEU A 35 -14.39 17.72 -12.51
C LEU A 35 -15.08 17.61 -13.87
N THR A 36 -14.33 17.37 -14.93
CA THR A 36 -14.92 16.96 -16.20
C THR A 36 -15.07 15.44 -16.21
N LEU A 37 -16.19 14.97 -16.75
CA LEU A 37 -16.49 13.55 -16.68
C LEU A 37 -15.54 12.75 -17.57
N LYS A 38 -14.92 11.73 -16.98
CA LYS A 38 -13.97 10.86 -17.68
C LYS A 38 -13.56 9.70 -16.79
N GLY A 39 -13.88 8.47 -17.19
CA GLY A 39 -13.56 7.31 -16.38
C GLY A 39 -12.18 6.78 -16.68
N TYR A 40 -12.00 5.46 -16.64
CA TYR A 40 -10.72 4.90 -17.04
C TYR A 40 -10.50 5.00 -18.54
N ARG A 41 -9.39 5.64 -18.93
CA ARG A 41 -8.93 5.69 -20.31
C ARG A 41 -7.63 4.92 -20.42
N GLN A 42 -7.48 4.14 -21.48
CA GLN A 42 -6.17 3.60 -21.80
C GLN A 42 -5.31 4.72 -22.35
N TYR A 43 -4.20 4.99 -21.67
CA TYR A 43 -3.18 5.95 -22.10
C TYR A 43 -1.86 5.23 -22.28
N TRP A 44 -0.98 5.84 -23.07
CA TRP A 44 0.41 5.39 -23.17
C TRP A 44 1.18 6.03 -22.03
N VAL A 45 1.69 5.21 -21.11
CA VAL A 45 2.30 5.67 -19.87
C VAL A 45 3.77 5.24 -19.82
N VAL A 46 4.62 6.15 -19.38
CA VAL A 46 6.06 5.96 -19.28
C VAL A 46 6.50 6.34 -17.87
N PHE A 47 7.38 5.52 -17.28
CA PHE A 47 7.89 5.74 -15.94
C PHE A 47 9.41 5.81 -16.03
N LYS A 48 9.99 6.89 -15.54
CA LYS A 48 11.44 7.05 -15.51
C LYS A 48 11.86 7.74 -14.23
N ASP A 49 13.03 7.36 -13.72
CA ASP A 49 13.59 7.96 -12.51
C ASP A 49 12.53 7.84 -11.40
N THR A 50 12.02 8.94 -10.86
CA THR A 50 10.90 8.83 -9.92
C THR A 50 9.66 9.57 -10.44
N THR A 51 9.56 9.80 -11.74
CA THR A 51 8.46 10.53 -12.33
C THR A 51 7.69 9.62 -13.28
N LEU A 52 6.38 9.73 -13.24
CA LEU A 52 5.50 9.03 -14.15
C LEU A 52 4.87 10.06 -15.08
N SER A 53 4.86 9.75 -16.37
CA SER A 53 4.29 10.62 -17.40
C SER A 53 3.32 9.77 -18.19
N TYR A 54 2.10 10.25 -18.37
CA TYR A 54 1.17 9.58 -19.27
C TYR A 54 0.69 10.52 -20.37
N TYR A 55 0.49 9.91 -21.55
CA TYR A 55 0.21 10.53 -22.83
C TYR A 55 -0.99 9.83 -23.43
N LYS A 56 -1.59 10.44 -24.44
CA LYS A 56 -2.69 9.75 -25.11
C LYS A 56 -2.18 8.71 -26.11
N SER A 57 -1.20 9.09 -26.93
CA SER A 57 -0.72 8.24 -28.01
C SER A 57 0.80 8.14 -27.98
N GLN A 58 1.31 7.15 -28.74
CA GLN A 58 2.76 6.92 -28.83
C GLN A 58 3.44 8.08 -29.55
N ASP A 59 2.88 8.48 -30.70
CA ASP A 59 3.44 9.62 -31.44
C ASP A 59 3.55 10.86 -30.56
N GLU A 60 2.68 10.97 -29.56
CA GLU A 60 2.70 12.15 -28.71
C GLU A 60 3.76 12.08 -27.63
N ALA A 61 4.42 10.93 -27.47
CA ALA A 61 5.57 10.82 -26.60
C ALA A 61 6.80 11.42 -27.29
N PRO A 62 7.74 11.98 -26.51
CA PRO A 62 7.79 12.24 -25.07
C PRO A 62 7.50 13.69 -24.65
N GLY A 63 7.58 14.65 -25.59
CA GLY A 63 7.51 16.05 -25.19
C GLY A 63 6.16 16.75 -25.30
N ASP A 64 5.07 16.00 -25.23
CA ASP A 64 3.73 16.55 -25.03
C ASP A 64 3.05 15.72 -23.95
N PRO A 65 3.42 15.93 -22.66
CA PRO A 65 2.84 15.14 -21.56
C PRO A 65 1.47 15.58 -21.13
N THR A 66 0.45 14.79 -21.46
CA THR A 66 -0.87 14.94 -20.88
C THR A 66 -0.82 15.09 -19.36
N GLN A 67 0.03 14.30 -18.71
CA GLN A 67 0.23 14.44 -17.27
C GLN A 67 1.62 13.95 -16.91
N GLN A 68 2.28 14.65 -15.99
CA GLN A 68 3.49 14.12 -15.39
C GLN A 68 3.51 14.48 -13.91
N LEU A 69 4.20 13.66 -13.13
CA LEU A 69 4.17 13.77 -11.69
C LEU A 69 5.40 13.10 -11.11
N ASN A 70 6.01 13.75 -10.12
CA ASN A 70 7.12 13.18 -9.37
C ASN A 70 6.56 12.43 -8.16
N LEU A 71 6.79 11.11 -8.13
CA LEU A 71 6.15 10.31 -7.09
C LEU A 71 6.85 10.40 -5.74
N LYS A 72 7.98 11.09 -5.65
CA LYS A 72 8.73 11.13 -4.39
C LYS A 72 7.90 11.80 -3.31
N GLY A 73 7.66 11.08 -2.21
CA GLY A 73 6.90 11.62 -1.11
C GLY A 73 5.41 11.35 -1.15
N CYS A 74 4.94 10.53 -2.08
CA CYS A 74 3.50 10.37 -2.23
C CYS A 74 3.09 9.08 -1.52
N GLU A 75 1.78 8.89 -1.40
CA GLU A 75 1.26 7.64 -0.87
C GLU A 75 0.96 6.68 -2.01
N VAL A 76 1.40 5.44 -1.87
CA VAL A 76 1.16 4.42 -2.88
C VAL A 76 0.23 3.37 -2.26
N VAL A 77 -1.01 3.30 -2.74
CA VAL A 77 -2.02 2.44 -2.17
C VAL A 77 -2.24 1.26 -3.13
N PRO A 78 -1.88 0.05 -2.74
CA PRO A 78 -2.24 -1.11 -3.56
C PRO A 78 -3.74 -1.33 -3.47
N ASP A 79 -4.34 -1.65 -4.62
CA ASP A 79 -5.76 -1.96 -4.73
C ASP A 79 -5.87 -3.25 -5.55
N VAL A 80 -5.83 -4.41 -4.88
CA VAL A 80 -5.64 -5.69 -5.54
C VAL A 80 -6.79 -6.65 -5.23
N ASN A 81 -7.27 -7.32 -6.29
CA ASN A 81 -8.11 -8.51 -6.16
C ASN A 81 -7.68 -9.46 -7.28
N VAL A 82 -6.87 -10.46 -6.94
CA VAL A 82 -6.34 -11.33 -7.98
C VAL A 82 -7.44 -12.12 -8.66
N SER A 83 -8.39 -12.65 -7.88
CA SER A 83 -9.48 -13.42 -8.48
C SER A 83 -10.35 -12.53 -9.37
N GLY A 84 -10.54 -11.27 -9.00
CA GLY A 84 -11.29 -10.33 -9.81
C GLY A 84 -10.51 -9.67 -10.91
N GLN A 85 -9.26 -10.08 -11.13
CA GLN A 85 -8.39 -9.48 -12.14
C GLN A 85 -8.34 -7.97 -12.01
N LYS A 86 -8.35 -7.50 -10.75
CA LYS A 86 -8.17 -6.09 -10.42
C LYS A 86 -6.73 -5.87 -9.93
N PHE A 87 -5.91 -5.26 -10.76
CA PHE A 87 -4.55 -4.91 -10.39
C PHE A 87 -4.48 -3.39 -10.47
N CYS A 88 -4.77 -2.70 -9.36
CA CYS A 88 -4.88 -1.25 -9.36
C CYS A 88 -3.85 -0.66 -8.39
N ILE A 89 -3.31 0.47 -8.78
CA ILE A 89 -2.32 1.24 -8.02
C ILE A 89 -2.90 2.63 -7.84
N LYS A 90 -3.08 3.07 -6.60
CA LYS A 90 -3.60 4.41 -6.33
C LYS A 90 -2.45 5.30 -5.87
N LEU A 91 -2.20 6.38 -6.60
CA LEU A 91 -1.12 7.30 -6.26
C LEU A 91 -1.76 8.58 -5.70
N LEU A 92 -1.34 8.95 -4.51
CA LEU A 92 -1.85 10.12 -3.82
C LEU A 92 -0.69 11.11 -3.72
N VAL A 93 -0.75 12.15 -4.53
CA VAL A 93 0.38 13.07 -4.75
C VAL A 93 0.02 14.40 -4.12
N PRO A 94 0.75 14.86 -3.10
CA PRO A 94 0.49 16.19 -2.53
C PRO A 94 0.93 17.30 -3.47
N SER A 95 0.21 18.41 -3.40
CA SER A 95 0.44 19.60 -4.20
C SER A 95 0.22 20.81 -3.32
N PRO A 96 0.69 21.99 -3.73
CA PRO A 96 0.40 23.19 -2.94
C PRO A 96 -1.09 23.51 -2.84
N GLU A 97 -1.91 22.96 -3.73
CA GLU A 97 -3.36 23.16 -3.67
C GLU A 97 -4.07 21.84 -3.43
N GLY A 98 -3.62 21.09 -2.44
CA GLY A 98 -4.29 19.85 -2.11
C GLY A 98 -3.70 18.66 -2.81
N MET A 99 -4.41 17.54 -2.68
CA MET A 99 -3.98 16.25 -3.20
C MET A 99 -4.54 16.00 -4.60
N SER A 100 -3.67 15.51 -5.48
CA SER A 100 -4.11 14.87 -6.73
C SER A 100 -4.07 13.37 -6.55
N GLU A 101 -5.04 12.69 -7.15
CA GLU A 101 -5.13 11.25 -7.13
C GLU A 101 -4.99 10.75 -8.56
N ILE A 102 -4.23 9.69 -8.74
CA ILE A 102 -4.03 9.08 -10.05
C ILE A 102 -4.19 7.59 -9.84
N TYR A 103 -5.17 7.00 -10.50
CA TYR A 103 -5.43 5.57 -10.41
C TYR A 103 -4.95 4.86 -11.66
N LEU A 104 -4.07 3.89 -11.48
CA LEU A 104 -3.48 3.09 -12.55
C LEU A 104 -4.01 1.67 -12.47
N ARG A 105 -4.58 1.17 -13.55
CA ARG A 105 -4.98 -0.22 -13.70
C ARG A 105 -4.10 -0.87 -14.75
N CYS A 106 -3.46 -1.97 -14.35
CA CYS A 106 -2.60 -2.79 -15.16
C CYS A 106 -3.37 -3.96 -15.76
N GLN A 107 -2.74 -4.64 -16.72
CA GLN A 107 -3.40 -5.70 -17.47
C GLN A 107 -3.19 -7.08 -16.90
N ASP A 108 -2.06 -7.35 -16.24
CA ASP A 108 -1.80 -8.68 -15.70
C ASP A 108 -0.91 -8.55 -14.46
N GLU A 109 -0.48 -9.70 -13.92
CA GLU A 109 0.26 -9.70 -12.68
C GLU A 109 1.67 -9.17 -12.87
N GLN A 110 2.31 -9.56 -13.98
CA GLN A 110 3.67 -9.09 -14.26
C GLN A 110 3.70 -7.57 -14.37
N GLN A 111 2.78 -7.00 -15.16
CA GLN A 111 2.74 -5.55 -15.33
C GLN A 111 2.54 -4.86 -13.99
N TYR A 112 1.60 -5.37 -13.19
CA TYR A 112 1.35 -4.80 -11.87
C TYR A 112 2.61 -4.85 -11.01
N ALA A 113 3.36 -5.94 -11.11
CA ALA A 113 4.55 -6.11 -10.26
C ALA A 113 5.62 -5.11 -10.64
N GLN A 114 5.87 -4.93 -11.94
CA GLN A 114 6.87 -3.95 -12.37
C GLN A 114 6.45 -2.55 -12.01
N TRP A 115 5.23 -2.17 -12.40
CA TRP A 115 4.77 -0.81 -12.19
C TRP A 115 4.63 -0.47 -10.71
N MET A 116 4.17 -1.43 -9.91
CA MET A 116 4.01 -1.19 -8.48
C MET A 116 5.35 -1.16 -7.77
N ALA A 117 6.24 -2.10 -8.07
CA ALA A 117 7.58 -2.03 -7.53
C ALA A 117 8.17 -0.65 -7.79
N ALA A 118 8.03 -0.17 -9.04
CA ALA A 118 8.61 1.12 -9.39
C ALA A 118 7.97 2.24 -8.58
N CYS A 119 6.64 2.23 -8.45
CA CYS A 119 5.98 3.29 -7.70
C CYS A 119 6.40 3.28 -6.22
N ARG A 120 6.50 2.09 -5.63
CA ARG A 120 6.84 2.01 -4.20
C ARG A 120 8.24 2.51 -3.94
N LEU A 121 9.21 2.10 -4.78
CA LEU A 121 10.55 2.65 -4.63
C LEU A 121 10.56 4.15 -4.86
N ALA A 122 9.93 4.61 -5.94
CA ALA A 122 9.99 6.02 -6.32
C ALA A 122 9.41 6.91 -5.22
N SER A 123 8.37 6.43 -4.55
CA SER A 123 7.79 7.14 -3.41
C SER A 123 8.83 7.43 -2.34
N LYS A 124 9.85 6.60 -2.24
CA LYS A 124 10.90 6.73 -1.27
C LYS A 124 12.13 7.41 -1.85
N GLY A 125 12.06 7.88 -3.08
CA GLY A 125 13.18 8.52 -3.72
C GLY A 125 14.13 7.56 -4.41
N ARG A 126 13.87 6.26 -4.34
CA ARG A 126 14.72 5.28 -5.01
C ARG A 126 14.21 4.96 -6.41
N THR A 127 15.14 4.85 -7.37
CA THR A 127 14.81 4.58 -8.76
C THR A 127 14.85 3.09 -9.05
N MET A 128 14.42 2.73 -10.26
CA MET A 128 14.52 1.35 -10.72
C MET A 128 15.97 0.90 -10.89
N ALA A 129 16.94 1.82 -10.87
CA ALA A 129 18.35 1.46 -10.86
C ALA A 129 18.82 0.98 -9.50
N ASP A 130 18.03 1.19 -8.45
CA ASP A 130 18.39 0.70 -7.13
C ASP A 130 18.43 -0.82 -7.16
N SER A 131 19.44 -1.40 -6.51
CA SER A 131 19.69 -2.83 -6.68
C SER A 131 18.55 -3.69 -6.16
N SER A 132 17.67 -3.16 -5.31
CA SER A 132 16.59 -3.95 -4.76
C SER A 132 15.29 -3.85 -5.56
N TYR A 133 15.35 -3.30 -6.78
CA TYR A 133 14.14 -3.22 -7.59
C TYR A 133 13.71 -4.60 -8.10
N ALA A 134 14.68 -5.41 -8.55
CA ALA A 134 14.34 -6.74 -9.06
C ALA A 134 13.71 -7.62 -7.98
N SER A 135 14.31 -7.66 -6.78
CA SER A 135 13.67 -8.43 -5.72
C SER A 135 12.34 -7.83 -5.32
N GLU A 136 12.12 -6.54 -5.58
CA GLU A 136 10.81 -5.94 -5.28
C GLU A 136 9.76 -6.45 -6.26
N VAL A 137 10.09 -6.49 -7.55
CA VAL A 137 9.20 -7.09 -8.54
C VAL A 137 8.89 -8.52 -8.16
N GLN A 138 9.92 -9.33 -7.96
CA GLN A 138 9.70 -10.74 -7.68
C GLN A 138 8.91 -10.94 -6.40
N ALA A 139 9.14 -10.09 -5.40
CA ALA A 139 8.36 -10.15 -4.18
C ALA A 139 6.88 -9.90 -4.45
N ILE A 140 6.57 -8.88 -5.27
CA ILE A 140 5.17 -8.61 -5.59
C ILE A 140 4.56 -9.80 -6.34
N LEU A 141 5.27 -10.33 -7.37
CA LEU A 141 4.77 -11.52 -8.07
C LEU A 141 4.45 -12.63 -7.10
N ALA A 142 5.33 -12.88 -6.14
CA ALA A 142 5.05 -13.92 -5.15
C ALA A 142 3.79 -13.59 -4.39
N PHE A 143 3.66 -12.35 -3.93
CA PHE A 143 2.45 -11.93 -3.23
C PHE A 143 1.20 -12.29 -4.02
N LEU A 144 1.16 -11.83 -5.27
CA LEU A 144 0.01 -12.04 -6.13
C LEU A 144 -0.24 -13.53 -6.36
N SER A 145 0.84 -14.29 -6.59
CA SER A 145 0.71 -15.70 -6.95
C SER A 145 0.23 -16.53 -5.78
N LEU A 146 0.62 -16.16 -4.56
CA LEU A 146 0.10 -16.89 -3.42
C LEU A 146 -1.31 -16.49 -3.06
N GLN A 147 -1.77 -15.28 -3.43
CA GLN A 147 -3.19 -15.04 -3.14
C GLN A 147 -4.09 -15.94 -3.98
N ARG A 148 -3.62 -16.34 -5.17
CA ARG A 148 -4.34 -17.29 -6.02
C ARG A 148 -3.82 -18.71 -5.81
N ASP B 15 -22.19 -27.31 19.09
CA ASP B 15 -23.41 -27.07 18.32
C ASP B 15 -23.43 -25.62 17.77
N SER B 16 -22.65 -24.75 18.39
CA SER B 16 -22.38 -23.46 17.85
C SER B 16 -21.16 -23.62 16.96
N LEU B 17 -20.29 -24.37 17.59
CA LEU B 17 -19.16 -23.66 18.08
C LEU B 17 -18.26 -23.30 16.97
N THR B 18 -17.91 -22.03 17.01
CA THR B 18 -17.01 -21.39 16.08
C THR B 18 -16.01 -20.61 16.89
N THR B 19 -14.92 -20.26 16.22
CA THR B 19 -13.86 -19.46 16.82
C THR B 19 -13.51 -18.39 15.81
N ILE B 20 -13.57 -17.13 16.23
CA ILE B 20 -13.30 -16.09 15.24
C ILE B 20 -11.85 -15.69 15.49
N PRO B 21 -11.07 -15.45 14.43
CA PRO B 21 -9.67 -15.09 14.63
C PRO B 21 -9.58 -13.62 14.99
N GLU B 22 -8.79 -13.32 16.00
CA GLU B 22 -8.52 -11.95 16.39
C GLU B 22 -7.03 -11.73 16.40
N LEU B 23 -6.65 -10.46 16.42
CA LEU B 23 -5.27 -10.07 16.68
C LEU B 23 -5.23 -9.30 17.99
N LYS B 24 -4.25 -9.63 18.82
CA LYS B 24 -3.97 -8.92 20.06
C LYS B 24 -2.46 -8.91 20.23
N ASP B 25 -1.87 -7.73 20.41
CA ASP B 25 -0.43 -7.69 20.64
C ASP B 25 -0.06 -6.26 21.02
N HIS B 26 1.19 -6.07 21.44
CA HIS B 26 1.74 -4.74 21.69
C HIS B 26 2.36 -4.23 20.40
N LEU B 27 1.91 -3.06 19.95
CA LEU B 27 2.42 -2.45 18.73
C LEU B 27 2.93 -1.04 19.04
N ARG B 28 3.78 -0.53 18.15
CA ARG B 28 4.27 0.84 18.30
C ARG B 28 3.47 1.75 17.38
N ILE B 29 2.91 2.83 17.93
CA ILE B 29 1.97 3.64 17.18
C ILE B 29 2.38 5.10 17.23
N PHE B 30 2.11 5.81 16.13
CA PHE B 30 2.28 7.25 16.01
C PHE B 30 1.05 7.89 15.38
N ARG B 31 0.62 9.00 15.97
CA ARG B 31 -0.51 9.78 15.50
C ARG B 31 -0.02 11.19 15.20
N PRO B 32 -0.03 11.65 13.95
CA PRO B 32 0.50 12.99 13.64
C PRO B 32 -0.20 14.09 14.44
N ARG B 33 -1.38 13.81 14.98
CA ARG B 33 -2.05 14.74 15.89
C ARG B 33 -1.27 14.94 17.18
N LYS B 34 -0.50 13.94 17.61
CA LYS B 34 0.18 13.94 18.91
C LYS B 34 1.68 13.81 18.73
N LEU B 35 2.34 14.91 18.40
CA LEU B 35 3.79 14.93 18.29
C LEU B 35 4.37 15.04 19.70
N THR B 36 4.72 13.91 20.28
CA THR B 36 5.51 13.91 21.50
C THR B 36 6.97 13.73 21.15
N LEU B 37 7.83 13.86 22.15
CA LEU B 37 9.23 13.51 21.95
C LEU B 37 9.43 12.01 21.85
N LYS B 38 8.53 11.22 22.44
CA LYS B 38 8.72 9.78 22.56
C LYS B 38 8.77 9.05 21.22
N GLY B 39 8.42 9.70 20.12
CA GLY B 39 8.36 8.97 18.86
C GLY B 39 7.16 8.05 18.90
N TYR B 40 7.32 6.84 18.38
CA TYR B 40 6.22 5.92 18.54
C TYR B 40 6.13 5.49 19.99
N ARG B 41 5.05 4.79 20.34
CA ARG B 41 4.94 4.30 21.71
C ARG B 41 4.09 3.05 21.73
N GLN B 42 4.30 2.22 22.76
CA GLN B 42 3.57 0.97 22.88
C GLN B 42 2.12 1.21 23.24
N TYR B 43 1.23 0.72 22.38
CA TYR B 43 -0.17 0.56 22.73
C TYR B 43 -0.50 -0.92 22.66
N TRP B 44 -1.53 -1.31 23.43
CA TRP B 44 -2.10 -2.65 23.34
C TRP B 44 -3.19 -2.62 22.27
N VAL B 45 -2.97 -3.37 21.19
CA VAL B 45 -3.81 -3.24 20.00
C VAL B 45 -4.54 -4.55 19.78
N VAL B 46 -5.83 -4.44 19.47
CA VAL B 46 -6.72 -5.56 19.24
C VAL B 46 -7.44 -5.31 17.92
N PHE B 47 -7.47 -6.30 17.05
CA PHE B 47 -8.08 -6.18 15.73
C PHE B 47 -9.12 -7.28 15.62
N LYS B 48 -10.38 -6.89 15.37
CA LYS B 48 -11.42 -7.87 15.13
C LYS B 48 -12.39 -7.33 14.09
N ASP B 49 -12.95 -8.22 13.29
CA ASP B 49 -13.92 -7.87 12.26
C ASP B 49 -13.25 -6.86 11.33
N THR B 50 -13.74 -5.61 11.25
CA THR B 50 -13.09 -4.58 10.45
C THR B 50 -12.64 -3.41 11.31
N THR B 51 -12.48 -3.61 12.62
CA THR B 51 -12.11 -2.54 13.52
C THR B 51 -10.79 -2.84 14.23
N LEU B 52 -9.96 -1.81 14.33
CA LEU B 52 -8.72 -1.82 15.09
C LEU B 52 -8.89 -0.91 16.30
N SER B 53 -8.55 -1.42 17.47
CA SER B 53 -8.66 -0.69 18.74
C SER B 53 -7.30 -0.72 19.40
N TYR B 54 -6.79 0.44 19.80
CA TYR B 54 -5.57 0.47 20.60
C TYR B 54 -5.84 1.17 21.92
N TYR B 55 -5.13 0.69 22.95
CA TYR B 55 -5.34 1.07 24.33
C TYR B 55 -3.97 1.49 24.87
N LYS B 56 -4.00 2.24 25.97
CA LYS B 56 -2.75 2.65 26.60
C LYS B 56 -2.08 1.49 27.34
N SER B 57 -2.85 0.50 27.77
CA SER B 57 -2.26 -0.66 28.42
C SER B 57 -3.13 -1.89 28.20
N GLN B 58 -2.50 -3.06 28.38
CA GLN B 58 -3.21 -4.33 28.26
C GLN B 58 -4.13 -4.56 29.45
N ASP B 59 -3.67 -4.16 30.65
CA ASP B 59 -4.51 -4.21 31.83
C ASP B 59 -5.80 -3.42 31.64
N GLU B 60 -5.75 -2.38 30.81
CA GLU B 60 -6.87 -1.48 30.56
C GLU B 60 -7.84 -1.99 29.51
N ALA B 61 -7.52 -3.09 28.83
CA ALA B 61 -8.40 -3.67 27.82
C ALA B 61 -9.62 -4.36 28.45
N PRO B 62 -10.74 -4.41 27.70
CA PRO B 62 -10.86 -3.79 26.38
C PRO B 62 -11.53 -2.42 26.43
N GLY B 63 -12.35 -2.18 27.44
CA GLY B 63 -13.04 -0.92 27.60
C GLY B 63 -12.41 -0.11 28.71
N ASP B 64 -12.28 1.21 28.55
CA ASP B 64 -12.64 1.92 27.33
C ASP B 64 -11.46 1.90 26.38
N PRO B 65 -11.73 2.01 25.08
CA PRO B 65 -10.63 2.07 24.10
C PRO B 65 -10.03 3.46 24.05
N THR B 66 -8.69 3.52 24.13
CA THR B 66 -8.01 4.79 23.88
C THR B 66 -8.37 5.33 22.50
N GLN B 67 -8.46 4.44 21.50
CA GLN B 67 -8.96 4.81 20.18
C GLN B 67 -9.41 3.54 19.48
N GLN B 68 -10.47 3.64 18.67
CA GLN B 68 -10.84 2.54 17.77
C GLN B 68 -11.23 3.11 16.43
N LEU B 69 -11.15 2.27 15.40
CA LEU B 69 -11.21 2.70 14.01
C LEU B 69 -11.80 1.59 13.15
N ASN B 70 -12.79 1.92 12.34
CA ASN B 70 -13.32 0.97 11.37
C ASN B 70 -12.58 1.19 10.05
N LEU B 71 -11.82 0.19 9.62
CA LEU B 71 -10.93 0.31 8.48
C LEU B 71 -11.64 0.14 7.14
N LYS B 72 -12.95 -0.11 7.13
CA LYS B 72 -13.61 -0.45 5.87
C LYS B 72 -13.54 0.71 4.88
N GLY B 73 -13.54 1.94 5.34
CA GLY B 73 -13.44 3.04 4.42
C GLY B 73 -12.05 3.62 4.19
N CYS B 74 -10.99 2.99 4.70
CA CYS B 74 -9.68 3.62 4.67
C CYS B 74 -8.81 3.09 3.55
N GLU B 75 -7.72 3.83 3.31
CA GLU B 75 -6.63 3.42 2.44
C GLU B 75 -5.52 2.87 3.31
N VAL B 76 -4.99 1.71 2.94
CA VAL B 76 -3.94 1.02 3.68
C VAL B 76 -2.68 1.13 2.86
N VAL B 77 -1.68 1.80 3.42
CA VAL B 77 -0.43 2.13 2.74
C VAL B 77 0.69 1.31 3.40
N PRO B 78 1.37 0.42 2.66
CA PRO B 78 2.57 -0.20 3.23
C PRO B 78 3.72 0.80 3.29
N ASP B 79 4.38 0.83 4.44
CA ASP B 79 5.55 1.64 4.68
C ASP B 79 6.57 0.67 5.27
N VAL B 80 7.26 -0.03 4.38
CA VAL B 80 8.15 -1.13 4.75
C VAL B 80 9.50 -0.88 4.10
N ASN B 81 10.56 -1.09 4.87
CA ASN B 81 11.92 -1.23 4.36
C ASN B 81 12.46 -2.43 5.12
N VAL B 82 12.48 -3.59 4.46
CA VAL B 82 12.83 -4.81 5.17
C VAL B 82 14.27 -4.76 5.64
N SER B 83 15.15 -4.16 4.82
CA SER B 83 16.56 -4.08 5.17
C SER B 83 16.75 -3.33 6.47
N GLY B 84 15.95 -2.31 6.71
CA GLY B 84 15.95 -1.64 7.99
C GLY B 84 15.04 -2.27 9.03
N GLN B 85 14.40 -3.40 8.71
CA GLN B 85 13.43 -4.01 9.61
C GLN B 85 12.36 -3.00 10.05
N LYS B 86 12.00 -2.15 9.09
CA LYS B 86 10.95 -1.14 9.26
C LYS B 86 9.70 -1.80 8.67
N PHE B 87 8.80 -2.28 9.54
CA PHE B 87 7.56 -2.94 9.14
C PHE B 87 6.44 -2.04 9.64
N CYS B 88 6.00 -1.13 8.78
CA CYS B 88 5.06 -0.10 9.17
C CYS B 88 3.82 -0.11 8.29
N ILE B 89 2.70 0.17 8.91
CA ILE B 89 1.37 0.18 8.31
C ILE B 89 0.85 1.59 8.48
N LYS B 90 0.61 2.27 7.37
CA LYS B 90 0.07 3.61 7.37
C LYS B 90 -1.41 3.51 7.06
N LEU B 91 -2.25 3.93 7.98
CA LEU B 91 -3.68 3.90 7.79
C LEU B 91 -4.19 5.31 7.55
N LEU B 92 -4.87 5.50 6.42
CA LEU B 92 -5.43 6.79 6.02
C LEU B 92 -6.95 6.69 6.03
N VAL B 93 -7.59 7.30 7.03
CA VAL B 93 -9.02 7.12 7.24
C VAL B 93 -9.71 8.45 6.94
N PRO B 94 -10.52 8.54 5.87
CA PRO B 94 -11.31 9.76 5.60
C PRO B 94 -12.32 10.07 6.70
N GLY B 98 -12.45 16.14 7.56
CA GLY B 98 -11.02 15.90 7.55
C GLY B 98 -10.66 14.43 7.38
N MET B 99 -9.37 14.11 7.55
CA MET B 99 -8.89 12.75 7.38
C MET B 99 -7.69 12.52 8.29
N SER B 100 -7.55 11.29 8.79
CA SER B 100 -6.61 10.93 9.84
C SER B 100 -5.57 9.92 9.35
N GLU B 101 -4.36 10.03 9.89
CA GLU B 101 -3.26 9.11 9.64
C GLU B 101 -2.89 8.39 10.92
N ILE B 102 -2.60 7.10 10.81
CA ILE B 102 -2.17 6.30 11.97
C ILE B 102 -1.04 5.41 11.51
N TYR B 103 0.13 5.51 12.14
CA TYR B 103 1.25 4.64 11.78
C TYR B 103 1.40 3.55 12.83
N LEU B 104 1.34 2.29 12.41
CA LEU B 104 1.63 1.15 13.29
C LEU B 104 2.91 0.48 12.83
N ARG B 105 3.82 0.25 13.77
CA ARG B 105 5.00 -0.56 13.53
C ARG B 105 4.88 -1.87 14.28
N CYS B 106 5.12 -2.94 13.53
CA CYS B 106 5.20 -4.30 14.01
C CYS B 106 6.64 -4.61 14.35
N GLN B 107 6.85 -5.69 15.09
CA GLN B 107 8.18 -5.98 15.59
C GLN B 107 8.99 -6.87 14.66
N ASP B 108 8.34 -7.73 13.88
CA ASP B 108 9.05 -8.64 12.98
C ASP B 108 8.17 -8.92 11.76
N GLU B 109 8.62 -9.84 10.91
CA GLU B 109 7.93 -10.05 9.63
C GLU B 109 6.59 -10.74 9.79
N GLN B 110 6.53 -11.74 10.68
CA GLN B 110 5.27 -12.46 10.89
C GLN B 110 4.19 -11.49 11.36
N GLN B 111 4.49 -10.69 12.37
CA GLN B 111 3.52 -9.73 12.91
C GLN B 111 3.06 -8.77 11.82
N TYR B 112 4.00 -8.24 11.04
CA TYR B 112 3.61 -7.36 9.94
C TYR B 112 2.68 -8.07 8.98
N ALA B 113 2.93 -9.36 8.71
CA ALA B 113 2.11 -10.08 7.75
C ALA B 113 0.69 -10.27 8.28
N GLN B 114 0.57 -10.68 9.54
CA GLN B 114 -0.75 -10.90 10.13
C GLN B 114 -1.55 -9.60 10.18
N TRP B 115 -0.94 -8.53 10.70
CA TRP B 115 -1.65 -7.26 10.86
C TRP B 115 -1.96 -6.62 9.50
N MET B 116 -1.02 -6.69 8.57
CA MET B 116 -1.23 -6.05 7.28
C MET B 116 -2.26 -6.82 6.46
N ALA B 117 -2.18 -8.15 6.45
CA ALA B 117 -3.25 -8.92 5.84
C ALA B 117 -4.59 -8.51 6.42
N ALA B 118 -4.65 -8.39 7.75
CA ALA B 118 -5.91 -8.03 8.37
C ALA B 118 -6.38 -6.66 7.89
N CYS B 119 -5.47 -5.68 7.82
CA CYS B 119 -5.87 -4.35 7.41
C CYS B 119 -6.31 -4.31 5.95
N ARG B 120 -5.60 -5.02 5.06
CA ARG B 120 -5.98 -5.01 3.65
C ARG B 120 -7.31 -5.71 3.42
N LEU B 121 -7.58 -6.82 4.11
CA LEU B 121 -8.92 -7.39 4.05
C LEU B 121 -9.96 -6.41 4.58
N ALA B 122 -9.66 -5.79 5.72
CA ALA B 122 -10.63 -4.91 6.36
C ALA B 122 -10.97 -3.72 5.48
N SER B 123 -9.98 -3.17 4.77
CA SER B 123 -10.25 -2.03 3.91
C SER B 123 -11.33 -2.33 2.89
N LYS B 124 -11.46 -3.59 2.47
CA LYS B 124 -12.46 -4.03 1.50
C LYS B 124 -13.71 -4.63 2.17
N GLY B 125 -13.81 -4.55 3.50
CA GLY B 125 -14.95 -5.11 4.19
C GLY B 125 -14.83 -6.57 4.61
N ARG B 126 -13.71 -7.23 4.30
CA ARG B 126 -13.56 -8.62 4.70
C ARG B 126 -12.95 -8.70 6.09
N THR B 127 -13.45 -9.62 6.89
CA THR B 127 -12.94 -9.87 8.22
C THR B 127 -11.85 -10.92 8.17
N MET B 128 -11.19 -11.14 9.31
CA MET B 128 -10.18 -12.19 9.36
C MET B 128 -10.77 -13.59 9.22
N ALA B 129 -12.10 -13.74 9.39
CA ALA B 129 -12.75 -15.03 9.20
C ALA B 129 -12.88 -15.41 7.72
N ASP B 130 -12.61 -14.49 6.81
CA ASP B 130 -12.67 -14.80 5.38
C ASP B 130 -11.61 -15.85 5.04
N SER B 131 -11.99 -16.81 4.18
CA SER B 131 -11.15 -17.96 3.92
C SER B 131 -9.83 -17.60 3.26
N SER B 132 -9.74 -16.41 2.65
CA SER B 132 -8.50 -16.03 1.99
C SER B 132 -7.58 -15.24 2.91
N TYR B 133 -7.82 -15.25 4.23
CA TYR B 133 -6.93 -14.54 5.14
C TYR B 133 -5.62 -15.27 5.33
N ALA B 134 -5.66 -16.60 5.45
CA ALA B 134 -4.42 -17.35 5.58
C ALA B 134 -3.56 -17.17 4.34
N SER B 135 -4.17 -17.31 3.17
CA SER B 135 -3.47 -17.05 1.91
C SER B 135 -2.79 -15.69 1.96
N GLU B 136 -3.53 -14.66 2.40
CA GLU B 136 -3.01 -13.30 2.39
C GLU B 136 -1.84 -13.15 3.36
N VAL B 137 -1.93 -13.73 4.56
CA VAL B 137 -0.80 -13.70 5.48
C VAL B 137 0.43 -14.29 4.82
N GLN B 138 0.30 -15.52 4.32
CA GLN B 138 1.45 -16.20 3.74
C GLN B 138 1.98 -15.44 2.53
N ALA B 139 1.09 -14.83 1.76
CA ALA B 139 1.53 -14.03 0.61
C ALA B 139 2.37 -12.84 1.06
N ILE B 140 1.92 -12.14 2.12
CA ILE B 140 2.74 -11.04 2.64
C ILE B 140 4.10 -11.55 3.08
N LEU B 141 4.12 -12.65 3.87
CA LEU B 141 5.42 -13.21 4.28
C LEU B 141 6.32 -13.45 3.09
N ALA B 142 5.77 -14.00 2.01
CA ALA B 142 6.60 -14.21 0.82
C ALA B 142 7.16 -12.88 0.34
N PHE B 143 6.31 -11.87 0.25
CA PHE B 143 6.76 -10.55 -0.18
C PHE B 143 7.96 -10.07 0.63
N LEU B 144 7.80 -10.02 1.96
CA LEU B 144 8.89 -9.52 2.80
C LEU B 144 10.13 -10.39 2.64
N SER B 145 9.93 -11.70 2.60
CA SER B 145 11.05 -12.63 2.67
C SER B 145 11.89 -12.59 1.40
N LEU B 146 11.28 -12.37 0.24
CA LEU B 146 12.08 -12.17 -0.95
C LEU B 146 12.65 -10.76 -1.03
N GLN B 147 12.06 -9.81 -0.30
CA GLN B 147 12.65 -8.47 -0.31
C GLN B 147 14.06 -8.48 0.27
N ARG B 148 14.39 -9.51 1.05
CA ARG B 148 15.72 -9.62 1.64
C ARG B 148 16.71 -10.22 0.66
N ALA B 149 16.36 -11.37 0.08
CA ALA B 149 17.23 -12.06 -0.86
C ALA B 149 17.23 -11.34 -2.21
NA NA C . -3.29 11.90 12.83
#